data_2BUP
#
_entry.id   2BUP
#
_cell.length_a   143.350
_cell.length_b   64.300
_cell.length_c   46.230
_cell.angle_alpha   90.00
_cell.angle_beta   90.00
_cell.angle_gamma   90.00
#
_symmetry.space_group_name_H-M   'P 21 21 21'
#
loop_
_entity.id
_entity.type
_entity.pdbx_description
1 polymer 'Heat shock cognate 71 kDa protein'
2 non-polymer 'PHOSPHATE ION'
3 non-polymer 'MAGNESIUM ION'
4 non-polymer 'POTASSIUM ION'
5 non-polymer 'CHLORIDE ION'
6 non-polymer "ADENOSINE-5'-DIPHOSPHATE"
7 non-polymer "ADENOSINE-5'-TRIPHOSPHATE"
8 water water
#
_entity_poly.entity_id   1
_entity_poly.type   'polypeptide(L)'
_entity_poly.pdbx_seq_one_letter_code
;MSKGPAVGIDLGGTYSCVGVFQHGKVEIIANDQGNRTTPSYVAFTDTERLIGDAAKNQVAMNPTNTVFDAKRLIGRRFDD
AVVQSDMKHWPFMVVNDAGRPKVQVEYKGETKSFYPEEVSSMVLTKMKEIAEAYLGKTVTNAVVTVPAYFNDSQRQATKD
AGTIAGLNVLRIINEPTAAAIAYGLDKKVGAERNVLIFDLGGGTFDVSILTIEDGIFEVKSTAGDTHLGGEDFDNRMVNH
FIAEFKRKHKKDISENKRAVRRLRTACERAKRTLSSSTQASIEIDSLYEGIDFYTSITRARFEELNADLFRGTLDPVEKA
LRDAKLDKSQIHDIVLVGGSTRIPKIQKLLQDFFNGKELNKSINPDEAVAYGAAVQAAILS
;
_entity_poly.pdbx_strand_id   A
#
loop_
_chem_comp.id
_chem_comp.type
_chem_comp.name
_chem_comp.formula
ADP non-polymer ADENOSINE-5'-DIPHOSPHATE 'C10 H15 N5 O10 P2'
ATP non-polymer ADENOSINE-5'-TRIPHOSPHATE 'C10 H16 N5 O13 P3'
CL non-polymer 'CHLORIDE ION' 'Cl -1'
K non-polymer 'POTASSIUM ION' 'K 1'
MG non-polymer 'MAGNESIUM ION' 'Mg 2'
PO4 non-polymer 'PHOSPHATE ION' 'O4 P -3'
#
# COMPACT_ATOMS: atom_id res chain seq x y z
N GLY A 4 -21.20 -0.80 15.83
CA GLY A 4 -21.16 0.63 16.25
C GLY A 4 -20.21 0.88 17.40
N PRO A 5 -19.21 1.74 17.21
CA PRO A 5 -18.96 2.48 15.96
C PRO A 5 -18.43 1.50 14.93
N ALA A 6 -18.71 1.76 13.65
CA ALA A 6 -18.24 0.91 12.56
C ALA A 6 -16.96 1.58 12.05
N VAL A 7 -16.02 0.80 11.52
CA VAL A 7 -14.76 1.38 11.06
C VAL A 7 -14.51 1.13 9.59
N GLY A 8 -13.58 1.90 9.02
CA GLY A 8 -13.18 1.73 7.62
C GLY A 8 -11.75 1.22 7.61
N ILE A 9 -11.49 0.19 6.83
CA ILE A 9 -10.15 -0.37 6.79
C ILE A 9 -9.63 -0.53 5.37
N ASP A 10 -8.49 0.07 5.11
CA ASP A 10 -7.80 -0.08 3.84
C ASP A 10 -6.84 -1.27 4.10
N LEU A 11 -7.12 -2.44 3.49
CA LEU A 11 -6.27 -3.61 3.66
C LEU A 11 -5.31 -3.54 2.49
N GLY A 12 -4.21 -2.81 2.71
CA GLY A 12 -3.25 -2.54 1.66
C GLY A 12 -2.26 -3.62 1.33
N GLY A 13 -1.74 -3.54 0.11
CA GLY A 13 -0.76 -4.52 -0.31
C GLY A 13 0.47 -4.43 0.56
N THR A 14 0.85 -3.22 0.95
CA THR A 14 2.03 -3.06 1.79
C THR A 14 1.73 -2.48 3.19
N TYR A 15 0.77 -1.58 3.29
CA TYR A 15 0.40 -0.99 4.59
C TYR A 15 -1.11 -0.98 4.72
N SER A 16 -1.61 -1.16 5.92
CA SER A 16 -3.05 -1.07 6.14
C SER A 16 -3.33 0.14 7.03
N CYS A 17 -4.57 0.60 7.00
CA CYS A 17 -4.94 1.80 7.73
C CYS A 17 -6.38 1.68 8.16
N VAL A 18 -6.69 2.16 9.37
CA VAL A 18 -8.05 2.10 9.85
C VAL A 18 -8.53 3.46 10.35
N GLY A 19 -9.76 3.81 10.01
CA GLY A 19 -10.30 5.09 10.45
C GLY A 19 -11.70 4.91 11.01
N VAL A 20 -12.17 5.91 11.76
CA VAL A 20 -13.51 5.86 12.31
C VAL A 20 -14.08 7.28 12.21
N PHE A 21 -15.34 7.36 11.80
CA PHE A 21 -16.02 8.63 11.64
C PHE A 21 -16.87 8.88 12.89
N GLN A 22 -16.56 9.96 13.61
CA GLN A 22 -17.33 10.33 14.79
C GLN A 22 -17.40 11.84 14.85
N HIS A 23 -18.54 12.34 15.33
CA HIS A 23 -18.72 13.79 15.44
C HIS A 23 -18.43 14.50 14.12
N GLY A 24 -18.90 13.89 13.04
CA GLY A 24 -18.74 14.42 11.70
C GLY A 24 -17.32 14.52 11.19
N LYS A 25 -16.38 13.81 11.82
CA LYS A 25 -14.97 13.88 11.41
C LYS A 25 -14.36 12.49 11.38
N VAL A 26 -13.46 12.27 10.44
CA VAL A 26 -12.78 10.98 10.39
C VAL A 26 -11.52 11.04 11.21
N GLU A 27 -11.35 10.04 12.07
CA GLU A 27 -10.15 9.94 12.87
C GLU A 27 -9.34 8.76 12.32
N ILE A 28 -8.17 9.04 11.77
CA ILE A 28 -7.29 7.96 11.31
C ILE A 28 -6.56 7.55 12.58
N ILE A 29 -6.67 6.26 12.92
CA ILE A 29 -6.16 5.75 14.17
C ILE A 29 -4.71 5.26 14.18
N ALA A 30 -3.92 5.83 15.09
CA ALA A 30 -2.52 5.46 15.24
C ALA A 30 -2.40 4.13 16.01
N ASN A 31 -1.42 3.31 15.63
CA ASN A 31 -1.25 2.02 16.32
C ASN A 31 -0.44 2.17 17.60
N ASP A 32 -0.02 1.04 18.18
CA ASP A 32 0.73 1.05 19.43
C ASP A 32 2.07 1.77 19.35
N GLN A 33 2.63 1.85 18.14
CA GLN A 33 3.89 2.53 17.91
C GLN A 33 3.66 3.99 17.46
N GLY A 34 2.40 4.40 17.43
CA GLY A 34 2.06 5.76 17.02
C GLY A 34 2.04 5.95 15.52
N ASN A 35 2.04 4.85 14.78
CA ASN A 35 2.01 4.94 13.33
C ASN A 35 0.60 4.88 12.79
N ARG A 36 0.28 5.81 11.89
CA ARG A 36 -1.07 5.90 11.31
C ARG A 36 -1.35 4.84 10.26
N THR A 37 -0.30 4.10 9.87
CA THR A 37 -0.49 2.98 8.95
C THR A 37 0.34 1.84 9.53
N THR A 38 -0.02 0.62 9.18
CA THR A 38 0.62 -0.56 9.73
C THR A 38 1.00 -1.53 8.62
N PRO A 39 2.25 -2.03 8.63
CA PRO A 39 2.71 -2.97 7.61
C PRO A 39 1.81 -4.21 7.50
N SER A 40 1.50 -4.62 6.27
CA SER A 40 0.66 -5.80 6.03
C SER A 40 1.60 -7.01 6.03
N TYR A 41 2.25 -7.19 7.18
CA TYR A 41 3.21 -8.28 7.40
C TYR A 41 2.82 -9.15 8.57
N VAL A 42 3.16 -10.43 8.45
CA VAL A 42 2.94 -11.39 9.54
C VAL A 42 4.17 -12.26 9.57
N ALA A 43 4.70 -12.54 10.76
CA ALA A 43 5.89 -13.38 10.86
C ALA A 43 5.68 -14.50 11.88
N PHE A 44 6.38 -15.60 11.68
CA PHE A 44 6.32 -16.77 12.54
C PHE A 44 7.74 -17.12 12.99
N THR A 45 7.93 -17.40 14.28
CA THR A 45 9.27 -17.73 14.80
C THR A 45 9.18 -18.98 15.65
N ASP A 46 10.29 -19.34 16.29
CA ASP A 46 10.31 -20.51 17.14
C ASP A 46 9.37 -20.32 18.33
N THR A 47 9.01 -19.09 18.65
CA THR A 47 8.14 -18.84 19.80
C THR A 47 6.90 -17.95 19.65
N GLU A 48 6.81 -17.17 18.58
CA GLU A 48 5.63 -16.32 18.50
C GLU A 48 5.20 -15.95 17.09
N ARG A 49 4.03 -15.35 17.01
CA ARG A 49 3.49 -14.87 15.74
C ARG A 49 3.52 -13.35 15.92
N LEU A 50 4.14 -12.67 14.96
CA LEU A 50 4.27 -11.21 14.99
C LEU A 50 3.45 -10.61 13.88
N ILE A 51 2.83 -9.47 14.13
CA ILE A 51 2.01 -8.84 13.10
C ILE A 51 2.29 -7.34 13.02
N GLY A 52 2.27 -6.79 11.80
CA GLY A 52 2.46 -5.36 11.64
C GLY A 52 3.87 -4.85 11.84
N ASP A 53 4.02 -3.78 12.60
CA ASP A 53 5.36 -3.22 12.82
C ASP A 53 6.30 -4.27 13.39
N ALA A 54 5.83 -5.05 14.35
CA ALA A 54 6.68 -6.06 14.95
C ALA A 54 7.20 -7.09 13.94
N ALA A 55 6.38 -7.39 12.92
CA ALA A 55 6.77 -8.35 11.90
C ALA A 55 7.72 -7.77 10.89
N LYS A 56 7.49 -6.54 10.48
CA LYS A 56 8.36 -5.96 9.47
C LYS A 56 9.74 -5.65 10.05
N ASN A 57 9.82 -5.40 11.35
CA ASN A 57 11.11 -5.11 11.97
C ASN A 57 12.10 -6.29 12.04
N GLN A 58 11.62 -7.51 11.81
CA GLN A 58 12.50 -8.68 11.84
C GLN A 58 12.56 -9.48 10.53
N VAL A 59 12.00 -8.90 9.46
CA VAL A 59 11.97 -9.55 8.15
C VAL A 59 13.33 -10.00 7.63
N ALA A 60 14.32 -9.14 7.81
CA ALA A 60 15.70 -9.41 7.35
C ALA A 60 16.31 -10.64 8.01
N MET A 61 15.98 -10.86 9.28
CA MET A 61 16.51 -12.00 10.00
C MET A 61 15.67 -13.26 9.90
N ASN A 62 14.45 -13.13 9.38
CA ASN A 62 13.55 -14.28 9.28
C ASN A 62 12.81 -14.27 7.93
N PRO A 63 13.56 -14.22 6.81
CA PRO A 63 12.93 -14.19 5.49
C PRO A 63 11.97 -15.31 5.04
N THR A 64 12.24 -16.56 5.40
CA THR A 64 11.36 -17.61 4.95
C THR A 64 10.07 -17.71 5.74
N ASN A 65 10.04 -17.11 6.93
CA ASN A 65 8.84 -17.20 7.75
C ASN A 65 8.13 -15.88 7.98
N THR A 66 8.48 -14.87 7.20
CA THR A 66 7.83 -13.56 7.32
C THR A 66 7.02 -13.41 6.04
N VAL A 67 5.71 -13.36 6.18
CA VAL A 67 4.82 -13.28 5.03
C VAL A 67 4.33 -11.87 4.75
N PHE A 68 4.31 -11.54 3.46
CA PHE A 68 3.83 -10.25 2.99
C PHE A 68 3.25 -10.52 1.60
N ASP A 69 2.64 -9.51 0.99
CA ASP A 69 2.04 -9.67 -0.33
C ASP A 69 0.90 -10.68 -0.39
N ALA A 70 0.26 -10.98 0.75
CA ALA A 70 -0.85 -11.93 0.70
C ALA A 70 -1.94 -11.41 -0.24
N LYS A 71 -2.01 -10.09 -0.40
CA LYS A 71 -3.02 -9.48 -1.27
C LYS A 71 -2.88 -9.88 -2.75
N ARG A 72 -1.69 -10.33 -3.11
CA ARG A 72 -1.41 -10.76 -4.47
C ARG A 72 -1.87 -12.19 -4.71
N LEU A 73 -2.11 -12.92 -3.61
CA LEU A 73 -2.59 -14.30 -3.70
C LEU A 73 -4.06 -14.42 -3.41
N ILE A 74 -4.58 -13.48 -2.64
CA ILE A 74 -5.96 -13.61 -2.21
C ILE A 74 -7.00 -13.78 -3.32
N GLY A 75 -7.81 -14.83 -3.18
CA GLY A 75 -8.85 -15.11 -4.14
C GLY A 75 -8.38 -15.72 -5.47
N ARG A 76 -7.10 -16.02 -5.58
CA ARG A 76 -6.59 -16.57 -6.84
C ARG A 76 -6.38 -18.07 -6.79
N ARG A 77 -6.31 -18.68 -7.98
CA ARG A 77 -6.06 -20.11 -8.08
C ARG A 77 -4.53 -20.30 -8.13
N PHE A 78 -4.06 -21.46 -7.70
CA PHE A 78 -2.61 -21.69 -7.69
C PHE A 78 -2.04 -21.62 -9.10
N ASP A 79 -2.79 -22.11 -10.08
CA ASP A 79 -2.33 -22.13 -11.46
C ASP A 79 -2.47 -20.81 -12.22
N ASP A 80 -2.90 -19.75 -11.54
CA ASP A 80 -3.05 -18.43 -12.15
C ASP A 80 -1.64 -17.96 -12.54
N ALA A 81 -1.49 -17.46 -13.77
CA ALA A 81 -0.17 -17.02 -14.24
C ALA A 81 0.47 -16.01 -13.30
N VAL A 82 -0.35 -15.13 -12.72
CA VAL A 82 0.14 -14.11 -11.78
C VAL A 82 0.79 -14.75 -10.56
N VAL A 83 0.14 -15.78 -10.02
CA VAL A 83 0.68 -16.47 -8.85
C VAL A 83 1.99 -17.16 -9.20
N GLN A 84 2.01 -17.88 -10.32
CA GLN A 84 3.23 -18.57 -10.72
C GLN A 84 4.35 -17.59 -10.95
N SER A 85 4.04 -16.40 -11.47
CA SER A 85 5.07 -15.42 -11.72
C SER A 85 5.57 -14.81 -10.40
N ASP A 86 4.62 -14.37 -9.56
CA ASP A 86 4.98 -13.74 -8.28
C ASP A 86 5.76 -14.66 -7.33
N MET A 87 5.44 -15.95 -7.32
CA MET A 87 6.10 -16.90 -6.42
C MET A 87 7.61 -16.95 -6.54
N LYS A 88 8.11 -16.73 -7.75
CA LYS A 88 9.53 -16.76 -7.99
C LYS A 88 10.27 -15.65 -7.26
N HIS A 89 9.55 -14.60 -6.87
CA HIS A 89 10.20 -13.48 -6.19
C HIS A 89 10.07 -13.44 -4.67
N TRP A 90 9.23 -14.30 -4.10
CA TRP A 90 9.07 -14.28 -2.65
C TRP A 90 10.01 -15.26 -1.96
N PRO A 91 10.51 -14.88 -0.77
CA PRO A 91 11.42 -15.74 0.00
C PRO A 91 10.69 -16.83 0.79
N PHE A 92 9.36 -16.70 0.89
CA PHE A 92 8.55 -17.69 1.60
C PHE A 92 7.94 -18.65 0.59
N MET A 93 7.60 -19.84 1.07
CA MET A 93 7.04 -20.87 0.20
C MET A 93 5.53 -20.80 -0.02
N VAL A 94 5.11 -21.00 -1.27
CA VAL A 94 3.70 -21.04 -1.62
C VAL A 94 3.45 -22.43 -2.18
N VAL A 95 2.49 -23.14 -1.59
CA VAL A 95 2.16 -24.50 -2.00
C VAL A 95 0.75 -24.59 -2.58
N ASN A 96 0.49 -25.71 -3.25
CA ASN A 96 -0.80 -25.94 -3.86
C ASN A 96 -1.65 -26.90 -3.03
N ASP A 97 -2.80 -26.41 -2.57
CA ASP A 97 -3.70 -27.27 -1.83
C ASP A 97 -4.98 -27.37 -2.64
N ALA A 98 -5.13 -28.48 -3.37
CA ALA A 98 -6.32 -28.72 -4.16
C ALA A 98 -6.63 -27.58 -5.12
N GLY A 99 -5.57 -26.97 -5.67
CA GLY A 99 -5.77 -25.90 -6.64
C GLY A 99 -5.76 -24.52 -6.04
N ARG A 100 -5.64 -24.42 -4.72
CA ARG A 100 -5.60 -23.13 -4.06
C ARG A 100 -4.24 -22.86 -3.46
N PRO A 101 -3.76 -21.61 -3.56
CA PRO A 101 -2.45 -21.32 -2.99
C PRO A 101 -2.50 -21.18 -1.46
N LYS A 102 -1.43 -21.64 -0.79
CA LYS A 102 -1.32 -21.48 0.66
C LYS A 102 0.11 -21.13 0.92
N VAL A 103 0.36 -20.28 1.91
CA VAL A 103 1.73 -19.96 2.25
C VAL A 103 2.17 -20.96 3.33
N GLN A 104 3.40 -21.46 3.19
CA GLN A 104 3.91 -22.45 4.12
C GLN A 104 5.05 -21.84 4.89
N VAL A 105 4.98 -21.97 6.21
CA VAL A 105 6.00 -21.43 7.09
C VAL A 105 6.25 -22.38 8.25
N GLU A 106 7.26 -22.06 9.04
CA GLU A 106 7.58 -22.83 10.23
C GLU A 106 7.16 -21.95 11.40
N TYR A 107 6.53 -22.57 12.40
CA TYR A 107 6.09 -21.87 13.61
C TYR A 107 6.31 -22.83 14.76
N LYS A 108 7.06 -22.41 15.76
CA LYS A 108 7.36 -23.28 16.90
C LYS A 108 7.91 -24.64 16.47
N GLY A 109 8.78 -24.62 15.47
CA GLY A 109 9.41 -25.82 14.99
C GLY A 109 8.57 -26.77 14.16
N GLU A 110 7.38 -26.34 13.75
CA GLU A 110 6.51 -27.20 12.96
C GLU A 110 6.05 -26.49 11.71
N THR A 111 5.86 -27.28 10.65
CA THR A 111 5.40 -26.73 9.38
C THR A 111 3.91 -26.42 9.44
N LYS A 112 3.55 -25.24 8.98
CA LYS A 112 2.16 -24.81 8.97
C LYS A 112 1.87 -24.18 7.63
N SER A 113 0.60 -24.18 7.22
CA SER A 113 0.23 -23.53 5.98
C SER A 113 -1.03 -22.73 6.23
N PHE A 114 -1.14 -21.59 5.54
CA PHE A 114 -2.28 -20.72 5.69
C PHE A 114 -2.80 -20.23 4.36
N TYR A 115 -4.12 -20.10 4.26
CA TYR A 115 -4.71 -19.55 3.05
C TYR A 115 -4.47 -18.05 3.10
N PRO A 116 -4.41 -17.39 1.93
CA PRO A 116 -4.17 -15.95 1.91
C PRO A 116 -5.15 -15.19 2.80
N GLU A 117 -6.42 -15.60 2.81
CA GLU A 117 -7.37 -14.90 3.65
C GLU A 117 -7.11 -15.10 5.14
N GLU A 118 -6.42 -16.17 5.53
CA GLU A 118 -6.09 -16.33 6.95
C GLU A 118 -4.96 -15.37 7.26
N VAL A 119 -4.01 -15.22 6.35
CA VAL A 119 -2.91 -14.29 6.59
C VAL A 119 -3.48 -12.87 6.68
N SER A 120 -4.35 -12.51 5.74
CA SER A 120 -4.93 -11.17 5.78
C SER A 120 -5.83 -10.97 6.99
N SER A 121 -6.42 -12.06 7.50
CA SER A 121 -7.28 -11.95 8.69
C SER A 121 -6.43 -11.55 9.89
N MET A 122 -5.16 -11.96 9.90
CA MET A 122 -4.27 -11.61 10.99
C MET A 122 -4.00 -10.09 10.96
N VAL A 123 -3.79 -9.57 9.75
CA VAL A 123 -3.58 -8.13 9.57
C VAL A 123 -4.85 -7.40 9.98
N LEU A 124 -6.01 -7.91 9.57
CA LEU A 124 -7.26 -7.25 9.96
C LEU A 124 -7.52 -7.32 11.46
N THR A 125 -7.11 -8.43 12.09
CA THR A 125 -7.28 -8.54 13.53
C THR A 125 -6.48 -7.42 14.20
N LYS A 126 -5.29 -7.17 13.68
CA LYS A 126 -4.44 -6.10 14.21
C LYS A 126 -5.11 -4.75 14.01
N MET A 127 -5.71 -4.51 12.85
CA MET A 127 -6.35 -3.21 12.62
C MET A 127 -7.57 -3.06 13.53
N LYS A 128 -8.29 -4.17 13.73
CA LYS A 128 -9.47 -4.19 14.61
C LYS A 128 -9.04 -3.82 16.04
N GLU A 129 -7.94 -4.42 16.52
CA GLU A 129 -7.46 -4.16 17.88
C GLU A 129 -6.95 -2.72 18.03
N ILE A 130 -6.32 -2.21 16.97
CA ILE A 130 -5.83 -0.83 16.96
C ILE A 130 -7.03 0.10 17.19
N ALA A 131 -8.12 -0.16 16.49
CA ALA A 131 -9.33 0.65 16.63
C ALA A 131 -9.95 0.46 18.02
N GLU A 132 -9.93 -0.76 18.52
CA GLU A 132 -10.48 -1.02 19.85
C GLU A 132 -9.74 -0.29 20.97
N ALA A 133 -8.42 -0.21 20.85
CA ALA A 133 -7.61 0.48 21.86
C ALA A 133 -7.93 1.97 21.85
N TYR A 134 -8.15 2.52 20.67
CA TYR A 134 -8.49 3.93 20.56
C TYR A 134 -9.90 4.23 21.06
N LEU A 135 -10.87 3.40 20.66
CA LEU A 135 -12.27 3.60 21.04
C LEU A 135 -12.64 3.18 22.45
N GLY A 136 -11.90 2.23 23.00
CA GLY A 136 -12.22 1.72 24.33
C GLY A 136 -13.52 0.94 24.29
N LYS A 137 -13.80 0.36 23.12
CA LYS A 137 -15.01 -0.43 22.91
C LYS A 137 -14.73 -1.49 21.86
N THR A 138 -15.53 -2.55 21.89
CA THR A 138 -15.38 -3.62 20.92
C THR A 138 -15.79 -3.11 19.55
N VAL A 139 -15.01 -3.48 18.54
CA VAL A 139 -15.28 -3.08 17.15
C VAL A 139 -15.68 -4.32 16.38
N THR A 140 -16.83 -4.28 15.73
CA THR A 140 -17.27 -5.42 14.95
C THR A 140 -17.58 -5.09 13.50
N ASN A 141 -18.37 -4.04 13.26
CA ASN A 141 -18.74 -3.68 11.89
C ASN A 141 -17.65 -2.91 11.17
N ALA A 142 -17.44 -3.24 9.90
CA ALA A 142 -16.41 -2.57 9.12
C ALA A 142 -16.67 -2.58 7.64
N VAL A 143 -16.13 -1.57 6.96
CA VAL A 143 -16.18 -1.53 5.50
C VAL A 143 -14.72 -1.80 5.15
N VAL A 144 -14.46 -2.73 4.23
CA VAL A 144 -13.10 -3.07 3.84
C VAL A 144 -12.98 -2.79 2.34
N THR A 145 -11.85 -2.22 1.93
CA THR A 145 -11.67 -1.87 0.53
C THR A 145 -10.82 -2.85 -0.26
N VAL A 146 -10.95 -2.79 -1.58
CA VAL A 146 -10.18 -3.61 -2.51
C VAL A 146 -9.97 -2.85 -3.83
N PRO A 147 -8.97 -3.27 -4.62
CA PRO A 147 -8.69 -2.62 -5.90
C PRO A 147 -9.93 -2.78 -6.79
N ALA A 148 -10.19 -1.82 -7.67
CA ALA A 148 -11.35 -1.88 -8.55
C ALA A 148 -11.33 -3.07 -9.49
N TYR A 149 -10.14 -3.56 -9.80
CA TYR A 149 -10.01 -4.70 -10.72
C TYR A 149 -10.21 -6.06 -10.06
N PHE A 150 -10.36 -6.08 -8.73
CA PHE A 150 -10.57 -7.37 -8.06
C PHE A 150 -11.84 -8.02 -8.57
N ASN A 151 -11.80 -9.33 -8.78
CA ASN A 151 -12.97 -10.06 -9.26
C ASN A 151 -13.80 -10.57 -8.09
N ASP A 152 -14.87 -11.30 -8.39
CA ASP A 152 -15.72 -11.81 -7.31
C ASP A 152 -15.00 -12.69 -6.30
N SER A 153 -14.08 -13.52 -6.77
CA SER A 153 -13.37 -14.44 -5.88
C SER A 153 -12.43 -13.67 -4.96
N GLN A 154 -11.75 -12.68 -5.50
CA GLN A 154 -10.84 -11.85 -4.71
C GLN A 154 -11.65 -11.03 -3.69
N ARG A 155 -12.84 -10.55 -4.07
CA ARG A 155 -13.68 -9.78 -3.15
C ARG A 155 -14.18 -10.70 -2.05
N GLN A 156 -14.62 -11.88 -2.44
CA GLN A 156 -15.11 -12.85 -1.48
C GLN A 156 -14.05 -13.23 -0.45
N ALA A 157 -12.82 -13.48 -0.92
CA ALA A 157 -11.74 -13.89 -0.03
C ALA A 157 -11.36 -12.74 0.90
N THR A 158 -11.47 -11.51 0.40
CA THR A 158 -11.16 -10.35 1.25
C THR A 158 -12.24 -10.25 2.34
N LYS A 159 -13.50 -10.39 1.95
CA LYS A 159 -14.56 -10.33 2.95
C LYS A 159 -14.33 -11.43 3.97
N ASP A 160 -13.99 -12.63 3.48
CA ASP A 160 -13.73 -13.76 4.38
C ASP A 160 -12.61 -13.47 5.40
N ALA A 161 -11.56 -12.78 4.95
CA ALA A 161 -10.46 -12.41 5.84
C ALA A 161 -11.06 -11.58 6.99
N GLY A 162 -11.98 -10.69 6.64
CA GLY A 162 -12.61 -9.87 7.66
C GLY A 162 -13.43 -10.72 8.62
N THR A 163 -14.22 -11.64 8.08
CA THR A 163 -15.06 -12.48 8.93
C THR A 163 -14.24 -13.32 9.89
N ILE A 164 -13.12 -13.84 9.41
CA ILE A 164 -12.23 -14.66 10.23
C ILE A 164 -11.67 -13.84 11.40
N ALA A 165 -11.43 -12.56 11.14
CA ALA A 165 -10.92 -11.64 12.16
C ALA A 165 -12.01 -11.19 13.13
N GLY A 166 -13.24 -11.66 12.94
CA GLY A 166 -14.30 -11.28 13.84
C GLY A 166 -15.05 -10.03 13.44
N LEU A 167 -14.82 -9.56 12.22
CA LEU A 167 -15.51 -8.38 11.74
C LEU A 167 -16.77 -8.75 10.98
N ASN A 168 -17.77 -7.88 11.02
CA ASN A 168 -18.98 -8.06 10.24
C ASN A 168 -18.71 -7.08 9.10
N VAL A 169 -18.34 -7.61 7.94
CA VAL A 169 -18.04 -6.74 6.81
C VAL A 169 -19.35 -6.23 6.19
N LEU A 170 -19.64 -4.97 6.44
CA LEU A 170 -20.86 -4.33 5.94
C LEU A 170 -20.87 -4.31 4.43
N ARG A 171 -19.72 -4.02 3.85
CA ARG A 171 -19.60 -3.93 2.41
C ARG A 171 -18.13 -3.93 2.00
N ILE A 172 -17.86 -4.44 0.82
CA ILE A 172 -16.51 -4.41 0.23
C ILE A 172 -16.67 -3.30 -0.82
N ILE A 173 -15.87 -2.24 -0.75
CA ILE A 173 -15.99 -1.17 -1.75
C ILE A 173 -14.65 -0.93 -2.41
N ASN A 174 -14.66 -0.32 -3.59
CA ASN A 174 -13.40 -0.08 -4.30
C ASN A 174 -12.55 1.03 -3.69
N GLU A 175 -11.23 0.83 -3.70
CA GLU A 175 -10.29 1.80 -3.18
C GLU A 175 -10.45 3.17 -3.83
N PRO A 176 -10.53 3.25 -5.17
CA PRO A 176 -10.67 4.60 -5.75
C PRO A 176 -11.96 5.30 -5.34
N THR A 177 -13.02 4.52 -5.20
CA THR A 177 -14.31 5.06 -4.78
C THR A 177 -14.20 5.57 -3.35
N ALA A 178 -13.55 4.81 -2.49
CA ALA A 178 -13.35 5.24 -1.10
C ALA A 178 -12.57 6.56 -1.07
N ALA A 179 -11.54 6.67 -1.91
CA ALA A 179 -10.77 7.92 -1.95
C ALA A 179 -11.63 9.10 -2.39
N ALA A 180 -12.53 8.89 -3.36
CA ALA A 180 -13.40 9.98 -3.81
C ALA A 180 -14.37 10.36 -2.70
N ILE A 181 -14.84 9.37 -1.95
CA ILE A 181 -15.77 9.65 -0.85
C ILE A 181 -15.06 10.48 0.25
N ALA A 182 -13.77 10.24 0.45
CA ALA A 182 -13.05 10.99 1.47
C ALA A 182 -13.09 12.49 1.19
N TYR A 183 -13.06 12.84 -0.10
CA TYR A 183 -13.11 14.26 -0.50
C TYR A 183 -14.52 14.78 -0.74
N GLY A 184 -15.53 13.97 -0.40
CA GLY A 184 -16.91 14.37 -0.58
C GLY A 184 -17.38 14.45 -2.03
N LEU A 185 -16.70 13.76 -2.93
CA LEU A 185 -17.05 13.79 -4.33
C LEU A 185 -18.28 12.93 -4.66
N ASP A 186 -18.83 12.29 -3.63
CA ASP A 186 -20.03 11.47 -3.78
C ASP A 186 -21.29 12.31 -3.62
N LYS A 187 -21.13 13.54 -3.12
CA LYS A 187 -22.28 14.43 -2.93
C LYS A 187 -22.90 14.81 -4.26
N LYS A 188 -24.22 14.93 -4.27
CA LYS A 188 -24.94 15.27 -5.50
C LYS A 188 -24.84 16.76 -5.80
N VAL A 189 -24.46 17.10 -7.03
CA VAL A 189 -24.34 18.49 -7.46
C VAL A 189 -25.19 18.75 -8.70
N GLY A 190 -26.09 17.81 -9.01
CA GLY A 190 -26.98 17.95 -10.15
C GLY A 190 -26.34 17.91 -11.53
N ALA A 191 -25.52 16.88 -11.78
CA ALA A 191 -24.82 16.69 -13.05
C ALA A 191 -23.70 15.68 -12.81
N GLU A 192 -23.30 14.94 -13.84
CA GLU A 192 -22.24 13.96 -13.63
C GLU A 192 -20.89 14.64 -13.55
N ARG A 193 -19.96 13.99 -12.85
CA ARG A 193 -18.61 14.49 -12.67
C ARG A 193 -17.63 13.37 -12.95
N ASN A 194 -16.52 13.70 -13.59
CA ASN A 194 -15.48 12.72 -13.91
C ASN A 194 -14.33 12.95 -12.95
N VAL A 195 -13.92 11.90 -12.25
CA VAL A 195 -12.86 12.01 -11.26
C VAL A 195 -11.74 11.03 -11.58
N LEU A 196 -10.50 11.50 -11.53
CA LEU A 196 -9.38 10.62 -11.78
C LEU A 196 -8.61 10.40 -10.49
N ILE A 197 -8.44 9.12 -10.14
CA ILE A 197 -7.71 8.73 -8.94
C ILE A 197 -6.33 8.26 -9.41
N PHE A 198 -5.27 8.88 -8.89
CA PHE A 198 -3.88 8.55 -9.24
C PHE A 198 -3.35 7.95 -7.95
N ASP A 199 -3.20 6.63 -7.92
CA ASP A 199 -2.82 5.92 -6.70
C ASP A 199 -1.52 5.14 -6.83
N LEU A 200 -0.46 5.66 -6.22
CA LEU A 200 0.84 5.03 -6.29
C LEU A 200 1.23 4.68 -4.87
N GLY A 201 1.21 3.39 -4.56
CA GLY A 201 1.53 2.98 -3.20
C GLY A 201 2.92 2.41 -3.03
N GLY A 202 3.03 1.35 -2.23
CA GLY A 202 4.33 0.72 -2.02
C GLY A 202 4.68 -0.27 -3.11
N GLY A 203 3.67 -0.96 -3.65
CA GLY A 203 3.98 -1.94 -4.68
C GLY A 203 3.15 -1.88 -5.94
N THR A 204 2.09 -1.08 -5.97
CA THR A 204 1.24 -1.02 -7.16
C THR A 204 0.88 0.41 -7.54
N PHE A 205 0.54 0.59 -8.81
CA PHE A 205 0.16 1.89 -9.33
C PHE A 205 -1.20 1.70 -9.99
N ASP A 206 -2.20 2.44 -9.52
CA ASP A 206 -3.56 2.32 -10.07
C ASP A 206 -4.11 3.67 -10.51
N VAL A 207 -4.56 3.75 -11.75
CA VAL A 207 -5.20 4.96 -12.23
C VAL A 207 -6.63 4.54 -12.47
N SER A 208 -7.59 5.26 -11.90
CA SER A 208 -8.98 4.93 -12.11
C SER A 208 -9.75 6.18 -12.50
N ILE A 209 -10.64 6.06 -13.48
CA ILE A 209 -11.46 7.20 -13.84
C ILE A 209 -12.89 6.82 -13.45
N LEU A 210 -13.48 7.63 -12.59
CA LEU A 210 -14.84 7.39 -12.09
C LEU A 210 -15.77 8.45 -12.63
N THR A 211 -17.02 8.07 -12.87
CA THR A 211 -18.02 9.05 -13.29
C THR A 211 -19.02 8.94 -12.15
N ILE A 212 -19.35 10.06 -11.53
CA ILE A 212 -20.25 10.05 -10.38
C ILE A 212 -21.47 10.89 -10.64
N GLU A 213 -22.65 10.34 -10.36
CA GLU A 213 -23.89 11.08 -10.55
C GLU A 213 -24.95 10.57 -9.59
N ASP A 214 -25.61 11.49 -8.89
CA ASP A 214 -26.67 11.14 -7.93
C ASP A 214 -26.15 10.19 -6.85
N GLY A 215 -24.89 10.35 -6.48
CA GLY A 215 -24.28 9.50 -5.46
C GLY A 215 -23.89 8.11 -5.92
N ILE A 216 -24.09 7.83 -7.20
CA ILE A 216 -23.75 6.52 -7.77
C ILE A 216 -22.45 6.56 -8.56
N PHE A 217 -21.59 5.59 -8.29
CA PHE A 217 -20.30 5.52 -8.95
C PHE A 217 -20.23 4.53 -10.09
N GLU A 218 -19.55 4.95 -11.15
CA GLU A 218 -19.31 4.11 -12.31
C GLU A 218 -17.81 4.11 -12.60
N VAL A 219 -17.20 2.93 -12.66
CA VAL A 219 -15.77 2.87 -12.98
C VAL A 219 -15.69 2.91 -14.52
N LYS A 220 -15.29 4.05 -15.08
CA LYS A 220 -15.18 4.21 -16.54
C LYS A 220 -13.99 3.46 -17.12
N SER A 221 -12.85 3.56 -16.45
CA SER A 221 -11.66 2.88 -16.91
C SER A 221 -10.65 2.75 -15.79
N THR A 222 -9.74 1.82 -15.96
CA THR A 222 -8.66 1.64 -14.98
C THR A 222 -7.41 1.31 -15.77
N ALA A 223 -6.26 1.70 -15.24
CA ALA A 223 -4.98 1.42 -15.88
C ALA A 223 -3.95 1.36 -14.77
N GLY A 224 -2.73 1.03 -15.13
CA GLY A 224 -1.70 1.00 -14.12
C GLY A 224 -0.67 -0.10 -14.30
N ASP A 225 0.00 -0.40 -13.19
CA ASP A 225 1.04 -1.41 -13.20
C ASP A 225 1.07 -2.02 -11.80
N THR A 226 0.80 -3.31 -11.72
CA THR A 226 0.80 -3.99 -10.43
C THR A 226 2.19 -4.24 -9.88
N HIS A 227 3.22 -3.83 -10.62
CA HIS A 227 4.60 -3.99 -10.15
C HIS A 227 5.40 -2.68 -10.21
N LEU A 228 4.75 -1.61 -9.80
CA LEU A 228 5.37 -0.28 -9.75
C LEU A 228 4.90 0.39 -8.47
N GLY A 229 5.83 0.75 -7.60
CA GLY A 229 5.45 1.42 -6.38
C GLY A 229 6.68 1.97 -5.69
N GLY A 230 6.48 2.49 -4.48
CA GLY A 230 7.57 3.07 -3.72
C GLY A 230 8.75 2.14 -3.51
N GLU A 231 8.49 0.83 -3.45
CA GLU A 231 9.57 -0.11 -3.25
C GLU A 231 10.57 -0.08 -4.40
N ASP A 232 10.08 0.20 -5.61
CA ASP A 232 10.98 0.29 -6.75
C ASP A 232 11.88 1.51 -6.63
N PHE A 233 11.36 2.60 -6.08
CA PHE A 233 12.19 3.79 -5.93
C PHE A 233 13.24 3.50 -4.86
N ASP A 234 12.88 2.73 -3.84
CA ASP A 234 13.83 2.37 -2.78
C ASP A 234 14.93 1.50 -3.40
N ASN A 235 14.54 0.60 -4.30
CA ASN A 235 15.52 -0.28 -4.96
C ASN A 235 16.56 0.53 -5.72
N ARG A 236 16.10 1.58 -6.42
CA ARG A 236 17.02 2.43 -7.18
C ARG A 236 18.02 3.10 -6.25
N MET A 237 17.55 3.53 -5.07
CA MET A 237 18.44 4.17 -4.10
C MET A 237 19.41 3.13 -3.53
N VAL A 238 18.91 1.93 -3.25
CA VAL A 238 19.79 0.90 -2.69
C VAL A 238 20.95 0.60 -3.66
N ASN A 239 20.63 0.39 -4.94
CA ASN A 239 21.67 0.10 -5.91
C ASN A 239 22.69 1.23 -5.97
N HIS A 240 22.20 2.45 -5.93
CA HIS A 240 23.04 3.64 -5.94
C HIS A 240 24.04 3.60 -4.77
N PHE A 241 23.53 3.30 -3.57
CA PHE A 241 24.41 3.28 -2.41
C PHE A 241 25.31 2.06 -2.30
N ILE A 242 24.90 0.94 -2.90
CA ILE A 242 25.78 -0.23 -2.88
C ILE A 242 27.00 0.14 -3.73
N ALA A 243 26.74 0.82 -4.85
CA ALA A 243 27.82 1.25 -5.74
C ALA A 243 28.72 2.26 -5.03
N GLU A 244 28.12 3.16 -4.26
CA GLU A 244 28.90 4.16 -3.53
C GLU A 244 29.78 3.51 -2.44
N PHE A 245 29.23 2.53 -1.74
CA PHE A 245 29.99 1.84 -0.70
C PHE A 245 31.12 1.05 -1.33
N LYS A 246 30.86 0.46 -2.50
CA LYS A 246 31.89 -0.31 -3.18
C LYS A 246 33.05 0.61 -3.57
N ARG A 247 32.73 1.80 -4.07
CA ARG A 247 33.79 2.73 -4.45
C ARG A 247 34.64 3.17 -3.27
N LYS A 248 33.97 3.53 -2.17
CA LYS A 248 34.68 4.00 -0.99
C LYS A 248 35.44 2.93 -0.22
N HIS A 249 34.89 1.72 -0.13
CA HIS A 249 35.55 0.68 0.66
C HIS A 249 36.06 -0.55 -0.09
N LYS A 250 35.86 -0.56 -1.41
CA LYS A 250 36.29 -1.68 -2.22
C LYS A 250 35.68 -2.99 -1.72
N LYS A 251 34.44 -2.92 -1.23
CA LYS A 251 33.73 -4.08 -0.74
C LYS A 251 32.30 -4.06 -1.27
N ASP A 252 31.81 -5.21 -1.70
CA ASP A 252 30.46 -5.30 -2.23
C ASP A 252 29.56 -5.94 -1.19
N ILE A 253 28.57 -5.19 -0.72
CA ILE A 253 27.66 -5.69 0.32
C ILE A 253 26.44 -6.44 -0.22
N SER A 254 26.29 -6.49 -1.54
CA SER A 254 25.15 -7.11 -2.20
C SER A 254 24.69 -8.47 -1.75
N GLU A 255 25.62 -9.31 -1.33
CA GLU A 255 25.29 -10.66 -0.91
C GLU A 255 25.04 -10.83 0.59
N ASN A 256 25.12 -9.74 1.34
CA ASN A 256 24.87 -9.77 2.78
C ASN A 256 23.45 -9.26 2.99
N LYS A 257 22.51 -10.19 3.17
CA LYS A 257 21.10 -9.84 3.35
C LYS A 257 20.82 -8.80 4.41
N ARG A 258 21.47 -8.88 5.56
CA ARG A 258 21.22 -7.91 6.62
C ARG A 258 21.72 -6.53 6.25
N ALA A 259 22.87 -6.47 5.57
CA ALA A 259 23.42 -5.18 5.20
C ALA A 259 22.48 -4.51 4.21
N VAL A 260 22.05 -5.27 3.20
CA VAL A 260 21.15 -4.73 2.19
C VAL A 260 19.85 -4.26 2.85
N ARG A 261 19.35 -5.03 3.81
CA ARG A 261 18.11 -4.66 4.49
C ARG A 261 18.24 -3.36 5.27
N ARG A 262 19.31 -3.24 6.04
CA ARG A 262 19.50 -2.03 6.82
C ARG A 262 19.67 -0.83 5.86
N LEU A 263 20.36 -1.04 4.74
CA LEU A 263 20.52 0.04 3.75
C LEU A 263 19.15 0.39 3.16
N ARG A 264 18.34 -0.60 2.83
CA ARG A 264 17.02 -0.35 2.24
C ARG A 264 16.13 0.44 3.19
N THR A 265 16.19 0.06 4.46
CA THR A 265 15.39 0.75 5.47
C THR A 265 15.82 2.22 5.56
N ALA A 266 17.13 2.46 5.55
CA ALA A 266 17.63 3.83 5.63
C ALA A 266 17.26 4.60 4.36
N CYS A 267 17.21 3.91 3.21
CA CYS A 267 16.85 4.56 1.96
C CYS A 267 15.37 4.94 1.96
N GLU A 268 14.52 4.06 2.47
CA GLU A 268 13.08 4.34 2.49
C GLU A 268 12.84 5.54 3.39
N ARG A 269 13.54 5.59 4.52
CA ARG A 269 13.39 6.71 5.45
C ARG A 269 13.89 8.00 4.81
N ALA A 270 15.03 7.91 4.12
CA ALA A 270 15.60 9.09 3.47
C ALA A 270 14.66 9.57 2.37
N LYS A 271 14.06 8.63 1.65
CA LYS A 271 13.10 9.00 0.60
C LYS A 271 11.95 9.84 1.18
N ARG A 272 11.39 9.41 2.30
CA ARG A 272 10.29 10.18 2.90
C ARG A 272 10.72 11.58 3.25
N THR A 273 11.92 11.70 3.81
CA THR A 273 12.42 13.02 4.14
C THR A 273 12.55 13.90 2.90
N LEU A 274 12.95 13.32 1.78
CA LEU A 274 13.10 14.07 0.54
C LEU A 274 11.80 14.64 -0.04
N SER A 275 10.65 14.23 0.51
CA SER A 275 9.39 14.76 0.02
C SER A 275 9.12 16.11 0.67
N SER A 276 9.85 16.44 1.73
CA SER A 276 9.63 17.72 2.42
C SER A 276 10.90 18.56 2.59
N SER A 277 12.05 17.97 2.27
CA SER A 277 13.35 18.64 2.35
C SER A 277 14.13 18.27 1.10
N THR A 278 15.10 19.08 0.72
CA THR A 278 15.89 18.85 -0.48
C THR A 278 17.13 17.98 -0.31
N GLN A 279 17.38 17.52 0.91
CA GLN A 279 18.50 16.62 1.18
C GLN A 279 18.18 15.74 2.39
N ALA A 280 18.82 14.58 2.45
CA ALA A 280 18.59 13.67 3.57
C ALA A 280 19.89 12.95 3.89
N SER A 281 20.13 12.69 5.16
CA SER A 281 21.35 11.99 5.57
C SER A 281 21.07 10.52 5.81
N ILE A 282 22.05 9.69 5.47
CA ILE A 282 21.97 8.25 5.67
C ILE A 282 23.16 7.95 6.57
N GLU A 283 22.87 7.45 7.76
CA GLU A 283 23.91 7.11 8.73
C GLU A 283 23.64 5.74 9.29
N ILE A 284 24.47 4.79 8.87
CA ILE A 284 24.30 3.43 9.32
C ILE A 284 25.57 2.97 10.02
N ASP A 285 25.46 2.60 11.29
CA ASP A 285 26.62 2.14 12.05
C ASP A 285 26.92 0.69 11.68
N SER A 286 28.20 0.38 11.50
CA SER A 286 28.62 -0.97 11.18
C SER A 286 27.73 -1.67 10.14
N LEU A 287 27.66 -1.07 8.95
CA LEU A 287 26.86 -1.61 7.85
C LEU A 287 27.40 -2.94 7.33
N TYR A 288 28.72 -3.02 7.20
CA TYR A 288 29.37 -4.22 6.67
C TYR A 288 30.78 -4.32 7.25
N GLU A 289 31.09 -5.47 7.83
CA GLU A 289 32.39 -5.71 8.44
C GLU A 289 32.88 -4.57 9.35
N GLY A 290 31.96 -4.05 10.16
CA GLY A 290 32.29 -2.99 11.10
C GLY A 290 32.47 -1.60 10.54
N ILE A 291 32.24 -1.45 9.25
CA ILE A 291 32.43 -0.15 8.59
C ILE A 291 31.15 0.69 8.66
N ASP A 292 31.22 1.90 9.22
CA ASP A 292 30.05 2.78 9.28
C ASP A 292 29.82 3.34 7.88
N PHE A 293 28.57 3.65 7.55
CA PHE A 293 28.25 4.23 6.25
C PHE A 293 27.45 5.50 6.52
N TYR A 294 28.14 6.63 6.48
CA TYR A 294 27.53 7.94 6.69
C TYR A 294 27.66 8.70 5.38
N THR A 295 26.51 9.05 4.81
CA THR A 295 26.52 9.74 3.54
C THR A 295 25.22 10.53 3.44
N SER A 296 24.87 10.97 2.25
CA SER A 296 23.63 11.73 2.09
C SER A 296 23.18 11.66 0.66
N ILE A 297 21.99 12.18 0.39
CA ILE A 297 21.45 12.16 -0.95
C ILE A 297 20.55 13.38 -1.12
N THR A 298 20.63 14.02 -2.28
CA THR A 298 19.81 15.20 -2.55
C THR A 298 18.52 14.78 -3.23
N ARG A 299 17.53 15.68 -3.20
CA ARG A 299 16.26 15.41 -3.86
C ARG A 299 16.53 15.31 -5.36
N ALA A 300 17.38 16.20 -5.88
CA ALA A 300 17.71 16.15 -7.29
C ALA A 300 18.27 14.80 -7.72
N ARG A 301 19.17 14.21 -6.91
CA ARG A 301 19.74 12.93 -7.30
C ARG A 301 18.69 11.82 -7.20
N PHE A 302 17.87 11.88 -6.16
CA PHE A 302 16.80 10.89 -5.97
C PHE A 302 15.86 10.94 -7.19
N GLU A 303 15.54 12.15 -7.66
CA GLU A 303 14.67 12.27 -8.84
C GLU A 303 15.37 11.72 -10.07
N GLU A 304 16.66 12.00 -10.23
CA GLU A 304 17.34 11.44 -11.41
C GLU A 304 17.41 9.90 -11.37
N LEU A 305 17.69 9.33 -10.20
CA LEU A 305 17.77 7.88 -10.09
C LEU A 305 16.46 7.21 -10.48
N ASN A 306 15.36 7.95 -10.35
CA ASN A 306 14.02 7.42 -10.63
C ASN A 306 13.28 8.08 -11.76
N ALA A 307 13.99 8.91 -12.54
CA ALA A 307 13.35 9.69 -13.59
C ALA A 307 12.44 8.93 -14.54
N ASP A 308 12.91 7.80 -15.04
CA ASP A 308 12.13 7.01 -15.98
C ASP A 308 10.87 6.44 -15.34
N LEU A 309 10.99 5.97 -14.10
CA LEU A 309 9.85 5.40 -13.41
C LEU A 309 8.81 6.48 -13.09
N PHE A 310 9.27 7.67 -12.70
CA PHE A 310 8.32 8.73 -12.39
C PHE A 310 7.59 9.17 -13.66
N ARG A 311 8.33 9.43 -14.71
CA ARG A 311 7.70 9.91 -15.94
C ARG A 311 6.76 8.87 -16.53
N GLY A 312 7.10 7.60 -16.33
CA GLY A 312 6.29 6.52 -16.86
C GLY A 312 4.91 6.41 -16.24
N THR A 313 4.68 7.08 -15.12
CA THR A 313 3.35 7.00 -14.51
C THR A 313 2.33 7.73 -15.37
N LEU A 314 2.79 8.58 -16.30
CA LEU A 314 1.85 9.32 -17.15
C LEU A 314 1.24 8.47 -18.27
N ASP A 315 1.92 7.39 -18.67
CA ASP A 315 1.37 6.53 -19.72
C ASP A 315 0.01 5.95 -19.29
N PRO A 316 -0.07 5.33 -18.10
CA PRO A 316 -1.37 4.79 -17.69
C PRO A 316 -2.45 5.89 -17.58
N VAL A 317 -2.05 7.12 -17.25
CA VAL A 317 -3.03 8.21 -17.17
C VAL A 317 -3.59 8.46 -18.56
N GLU A 318 -2.72 8.54 -19.57
CA GLU A 318 -3.18 8.76 -20.94
C GLU A 318 -4.04 7.60 -21.41
N LYS A 319 -3.64 6.38 -21.09
CA LYS A 319 -4.42 5.21 -21.51
C LYS A 319 -5.80 5.22 -20.83
N ALA A 320 -5.84 5.49 -19.52
CA ALA A 320 -7.12 5.53 -18.84
C ALA A 320 -8.05 6.56 -19.47
N LEU A 321 -7.50 7.73 -19.83
CA LEU A 321 -8.32 8.77 -20.45
C LEU A 321 -8.86 8.26 -21.78
N ARG A 322 -7.98 7.64 -22.56
CA ARG A 322 -8.37 7.11 -23.85
C ARG A 322 -9.47 6.06 -23.68
N ASP A 323 -9.28 5.12 -22.77
CA ASP A 323 -10.31 4.10 -22.57
C ASP A 323 -11.64 4.65 -22.04
N ALA A 324 -11.59 5.76 -21.31
CA ALA A 324 -12.80 6.36 -20.78
C ALA A 324 -13.44 7.30 -21.82
N LYS A 325 -12.77 7.47 -22.95
CA LYS A 325 -13.27 8.36 -24.02
C LYS A 325 -13.42 9.79 -23.50
N LEU A 326 -12.41 10.24 -22.74
CA LEU A 326 -12.42 11.58 -22.17
C LEU A 326 -11.11 12.29 -22.48
N ASP A 327 -11.17 13.60 -22.71
CA ASP A 327 -9.97 14.38 -22.95
C ASP A 327 -9.54 14.80 -21.54
N LYS A 328 -8.27 15.14 -21.35
CA LYS A 328 -7.82 15.51 -20.00
C LYS A 328 -8.62 16.67 -19.43
N SER A 329 -9.14 17.54 -20.30
CA SER A 329 -9.91 18.71 -19.85
C SER A 329 -11.28 18.37 -19.24
N GLN A 330 -11.74 17.13 -19.44
CA GLN A 330 -13.04 16.69 -18.93
C GLN A 330 -12.98 16.12 -17.52
N ILE A 331 -11.78 16.08 -16.94
CA ILE A 331 -11.63 15.55 -15.58
C ILE A 331 -11.93 16.71 -14.61
N HIS A 332 -12.92 16.52 -13.74
CA HIS A 332 -13.28 17.59 -12.79
C HIS A 332 -12.38 17.62 -11.55
N ASP A 333 -11.92 16.46 -11.11
CA ASP A 333 -11.06 16.39 -9.95
C ASP A 333 -10.00 15.31 -10.10
N ILE A 334 -8.79 15.60 -9.61
CA ILE A 334 -7.70 14.62 -9.61
C ILE A 334 -7.42 14.35 -8.14
N VAL A 335 -7.42 13.08 -7.74
CA VAL A 335 -7.19 12.75 -6.34
C VAL A 335 -5.94 11.93 -6.17
N LEU A 336 -5.05 12.39 -5.29
CA LEU A 336 -3.83 11.63 -5.02
C LEU A 336 -4.06 10.62 -3.91
N VAL A 337 -3.65 9.38 -4.16
CA VAL A 337 -3.78 8.29 -3.20
C VAL A 337 -2.45 7.53 -3.22
N GLY A 338 -2.09 6.91 -2.10
CA GLY A 338 -0.85 6.15 -2.03
C GLY A 338 0.28 7.01 -1.49
N GLY A 339 1.07 6.45 -0.58
CA GLY A 339 2.15 7.24 0.01
C GLY A 339 3.15 7.83 -0.97
N SER A 340 3.37 7.15 -2.09
CA SER A 340 4.35 7.64 -3.06
C SER A 340 3.92 8.93 -3.75
N THR A 341 2.64 9.27 -3.70
CA THR A 341 2.23 10.51 -4.36
C THR A 341 2.65 11.75 -3.56
N ARG A 342 3.31 11.56 -2.42
CA ARG A 342 3.80 12.69 -1.63
C ARG A 342 5.09 13.22 -2.27
N ILE A 343 5.67 12.43 -3.17
CA ILE A 343 6.91 12.83 -3.85
C ILE A 343 6.65 14.06 -4.74
N PRO A 344 7.34 15.17 -4.47
CA PRO A 344 7.13 16.39 -5.27
C PRO A 344 7.25 16.23 -6.79
N LYS A 345 8.24 15.48 -7.25
CA LYS A 345 8.42 15.33 -8.70
C LYS A 345 7.20 14.65 -9.34
N ILE A 346 6.59 13.70 -8.63
CA ILE A 346 5.42 13.00 -9.16
C ILE A 346 4.25 13.98 -9.25
N GLN A 347 4.11 14.84 -8.24
CA GLN A 347 3.03 15.82 -8.27
C GLN A 347 3.25 16.80 -9.43
N LYS A 348 4.49 17.21 -9.63
CA LYS A 348 4.79 18.13 -10.72
C LYS A 348 4.44 17.51 -12.07
N LEU A 349 4.86 16.26 -12.26
CA LEU A 349 4.58 15.58 -13.53
C LEU A 349 3.10 15.50 -13.83
N LEU A 350 2.31 15.15 -12.81
CA LEU A 350 0.88 14.97 -13.01
C LEU A 350 0.20 16.31 -13.22
N GLN A 351 0.59 17.31 -12.44
CA GLN A 351 -0.01 18.63 -12.58
C GLN A 351 0.34 19.21 -13.95
N ASP A 352 1.58 19.02 -14.37
CA ASP A 352 2.01 19.52 -15.68
C ASP A 352 1.20 18.82 -16.78
N PHE A 353 1.06 17.50 -16.66
CA PHE A 353 0.29 16.76 -17.64
C PHE A 353 -1.11 17.36 -17.71
N PHE A 354 -1.64 17.75 -16.56
CA PHE A 354 -2.98 18.34 -16.55
C PHE A 354 -3.03 19.88 -16.69
N ASN A 355 -1.97 20.42 -17.27
CA ASN A 355 -1.87 21.85 -17.55
C ASN A 355 -2.13 22.79 -16.39
N GLY A 356 -1.61 22.39 -15.24
CA GLY A 356 -1.70 23.21 -14.04
C GLY A 356 -2.86 23.00 -13.10
N LYS A 357 -3.73 22.04 -13.42
CA LYS A 357 -4.89 21.76 -12.57
C LYS A 357 -4.42 21.39 -11.17
N GLU A 358 -5.09 21.94 -10.16
CA GLU A 358 -4.70 21.62 -8.80
C GLU A 358 -5.12 20.20 -8.46
N LEU A 359 -4.36 19.59 -7.56
CA LEU A 359 -4.56 18.22 -7.14
C LEU A 359 -5.22 18.17 -5.76
N ASN A 360 -6.09 17.17 -5.52
CA ASN A 360 -6.69 17.02 -4.21
C ASN A 360 -5.65 16.21 -3.44
N LYS A 361 -4.99 16.85 -2.47
CA LYS A 361 -3.93 16.21 -1.72
C LYS A 361 -3.85 16.63 -0.26
N SER A 362 -4.94 17.19 0.27
CA SER A 362 -4.98 17.63 1.66
C SER A 362 -5.09 16.46 2.63
N ILE A 363 -5.65 15.33 2.16
CA ILE A 363 -5.75 14.15 3.03
C ILE A 363 -4.52 13.30 2.75
N ASN A 364 -3.76 12.93 3.79
CA ASN A 364 -2.57 12.10 3.58
C ASN A 364 -2.93 11.03 2.57
N PRO A 365 -2.24 11.00 1.42
CA PRO A 365 -2.58 10.00 0.41
C PRO A 365 -2.62 8.56 0.86
N ASP A 366 -1.75 8.20 1.80
CA ASP A 366 -1.74 6.82 2.29
C ASP A 366 -2.86 6.53 3.26
N GLU A 367 -3.69 7.53 3.54
CA GLU A 367 -4.83 7.39 4.45
C GLU A 367 -6.17 7.65 3.78
N ALA A 368 -6.15 8.16 2.54
CA ALA A 368 -7.42 8.52 1.89
C ALA A 368 -8.41 7.38 1.68
N VAL A 369 -7.90 6.18 1.41
CA VAL A 369 -8.77 5.03 1.22
C VAL A 369 -9.47 4.69 2.53
N ALA A 370 -8.72 4.58 3.62
CA ALA A 370 -9.35 4.26 4.91
C ALA A 370 -10.30 5.38 5.34
N TYR A 371 -9.93 6.62 5.02
CA TYR A 371 -10.72 7.79 5.39
C TYR A 371 -12.09 7.66 4.73
N GLY A 372 -12.11 7.39 3.43
CA GLY A 372 -13.38 7.23 2.74
C GLY A 372 -14.14 5.99 3.20
N ALA A 373 -13.41 4.92 3.52
CA ALA A 373 -14.07 3.69 3.99
C ALA A 373 -14.79 3.98 5.32
N ALA A 374 -14.16 4.79 6.17
CA ALA A 374 -14.73 5.14 7.47
C ALA A 374 -16.02 5.95 7.30
N VAL A 375 -16.01 6.88 6.34
CA VAL A 375 -17.19 7.68 6.06
C VAL A 375 -18.32 6.75 5.60
N GLN A 376 -18.00 5.87 4.66
CA GLN A 376 -19.01 4.96 4.15
C GLN A 376 -19.53 4.00 5.20
N ALA A 377 -18.65 3.54 6.09
CA ALA A 377 -19.04 2.63 7.15
C ALA A 377 -20.06 3.30 8.08
N ALA A 378 -19.87 4.60 8.32
CA ALA A 378 -20.79 5.33 9.18
C ALA A 378 -22.11 5.50 8.46
N ILE A 379 -22.05 5.73 7.15
CA ILE A 379 -23.28 5.88 6.39
C ILE A 379 -24.09 4.59 6.40
N LEU A 380 -23.40 3.44 6.32
CA LEU A 380 -24.08 2.15 6.32
C LEU A 380 -24.47 1.68 7.72
N SER A 381 -24.01 2.40 8.74
CA SER A 381 -24.33 2.05 10.12
C SER A 381 -25.58 2.75 10.63
P PO4 B . -3.00 -1.55 -3.06
O1 PO4 B . -4.22 -1.82 -3.92
O2 PO4 B . -2.73 -0.06 -3.00
O3 PO4 B . -3.19 -2.02 -1.65
O4 PO4 B . -1.83 -2.29 -3.66
MG MG C . -3.09 1.54 -1.58
K K D . -2.61 1.11 2.01
K K E . -2.06 1.39 -5.47
CL CL F . 9.31 17.62 -14.68
CL CL G . 0.22 -2.01 16.90
PB ADP H . 0.19 0.46 0.00
O1B ADP H . 1.27 0.12 -0.95
O2B ADP H . -1.09 1.10 -0.71
O3B ADP H . -0.24 -0.77 0.74
PA ADP H . 0.71 3.16 0.88
O1A ADP H . 1.34 3.69 -0.33
O2A ADP H . 0.49 3.87 2.11
O3A ADP H . 0.72 1.58 0.96
O5' ADP H . 2.22 3.07 1.52
C5' ADP H . 3.38 2.41 0.95
C4' ADP H . 4.35 3.36 0.16
O4' ADP H . 4.22 4.81 0.33
C3' ADP H . 5.83 3.03 0.40
O3' ADP H . 6.55 2.88 -0.82
C2' ADP H . 6.32 4.21 1.23
O2' ADP H . 7.76 4.33 1.26
C1' ADP H . 5.57 5.33 0.53
N9 ADP H . 5.60 6.63 1.30
C8 ADP H . 4.99 6.87 2.48
N7 ADP H . 5.25 8.13 2.86
C5 ADP H . 6.00 8.70 1.93
C6 ADP H . 6.58 9.95 1.76
N6 ADP H . 6.39 10.91 2.70
N1 ADP H . 7.35 10.22 0.63
C2 ADP H . 7.55 9.28 -0.33
N3 ADP H . 6.99 8.06 -0.16
C4 ADP H . 6.23 7.73 0.92
PG ATP I . 0.36 -1.06 -2.54
O1G ATP I . 1.55 -1.97 -2.46
O2G ATP I . 0.29 -0.13 -3.73
O3G ATP I . -0.95 -1.65 -2.06
PB ATP I . -0.18 0.49 -0.11
O1B ATP I . -0.23 -0.64 0.90
O2B ATP I . -1.45 1.09 -0.60
O3B ATP I . 0.67 0.00 -1.37
PA ATP I . 0.70 3.15 0.96
O1A ATP I . -0.38 3.94 0.23
O2A ATP I . 0.73 3.13 2.45
O3A ATP I . 0.80 1.65 0.41
O5' ATP I . 2.12 3.64 0.42
C5' ATP I . 3.33 3.13 0.97
C4' ATP I . 4.50 3.64 0.18
O4' ATP I . 4.53 5.09 0.27
C3' ATP I . 5.88 3.15 0.63
O3' ATP I . 6.66 2.86 -0.52
C2' ATP I . 6.45 4.36 1.36
O2' ATP I . 7.86 4.43 1.37
C1' ATP I . 5.87 5.51 0.53
N9 ATP I . 5.84 6.78 1.24
C8 ATP I . 5.23 7.08 2.44
N7 ATP I . 5.42 8.32 2.83
C5 ATP I . 6.19 8.87 1.82
C6 ATP I . 6.75 10.16 1.64
N6 ATP I . 6.61 11.15 2.53
N1 ATP I . 7.46 10.39 0.52
C2 ATP I . 7.61 9.39 -0.36
N3 ATP I . 7.15 8.14 -0.31
C4 ATP I . 6.44 7.94 0.82
#